data_4O1E
#
_entry.id   4O1E
#
_cell.length_a   90.300
_cell.length_b   118.386
_cell.length_c   57.727
_cell.angle_alpha   90.00
_cell.angle_beta   90.00
_cell.angle_gamma   90.00
#
_symmetry.space_group_name_H-M   'P 21 21 2'
#
loop_
_entity.id
_entity.type
_entity.pdbx_description
1 polymer 'Dihydropteroate synthase DHPS'
2 non-polymer '5-METHYL-5,6,7,8-TETRAHYDROFOLIC ACID'
3 water water
#
_entity_poly.entity_id   1
_entity_poly.type   'polypeptide(L)'
_entity_poly.pdbx_seq_one_letter_code
;MGSSHHHHHHSSGLVPRGSHMLIIIGEKINGTIPSVKKAIEAKDEKLIRDLALRQSEAGADYIDVCASTSPELEVETLQW
LMDIVQEATDTPLCIDSPNPRAIQQVLLYAKRPGLINSVSLEGDKCEVIFPLIQGTSWQVIALTCDNSGIPQDVQSRVEI
AQALVEKAQSYDIAQERIHIDPLVIALSADNGALLKFAEATRQIKANYPMINVTSGLSNISFGMPLRKVVNQNFLTLAMF
AGMDSAILDPLNRDLLAALLATEALLGRDKHCRNFANAYRKNKIGPLKEG
;
_entity_poly.pdbx_strand_id   A,B
#
loop_
_chem_comp.id
_chem_comp.type
_chem_comp.name
_chem_comp.formula
C2F non-polymer '5-METHYL-5,6,7,8-TETRAHYDROFOLIC ACID' 'C20 H25 N7 O6'
#
# COMPACT_ATOMS: atom_id res chain seq x y z
N GLY A 18 -7.67 -3.12 -18.73
CA GLY A 18 -7.29 -1.87 -19.48
C GLY A 18 -7.03 -0.72 -18.53
N SER A 19 -5.88 -0.78 -17.84
CA SER A 19 -5.54 0.12 -16.73
C SER A 19 -5.04 1.52 -17.19
N HIS A 20 -4.90 2.46 -16.24
CA HIS A 20 -4.69 3.91 -16.43
C HIS A 20 -4.28 4.50 -15.09
N MET A 21 -3.66 5.66 -15.14
CA MET A 21 -3.27 6.34 -13.91
C MET A 21 -4.56 6.67 -13.09
N LEU A 22 -4.43 6.61 -11.76
CA LEU A 22 -5.57 7.08 -10.91
C LEU A 22 -5.97 8.55 -11.25
N ILE A 23 -7.28 8.71 -11.38
CA ILE A 23 -7.93 10.03 -11.67
C ILE A 23 -8.10 10.74 -10.32
N ILE A 24 -7.52 11.94 -10.20
CA ILE A 24 -7.52 12.67 -8.89
C ILE A 24 -8.60 13.78 -8.86
N ILE A 25 -9.52 13.66 -7.90
CA ILE A 25 -10.47 14.73 -7.70
C ILE A 25 -9.99 15.50 -6.45
N GLY A 26 -9.59 16.79 -6.70
CA GLY A 26 -8.94 17.51 -5.55
C GLY A 26 -10.05 17.97 -4.59
N GLU A 27 -9.91 17.69 -3.30
CA GLU A 27 -10.99 17.81 -2.37
C GLU A 27 -11.00 19.15 -1.59
N LYS A 28 -9.98 20.00 -1.81
CA LYS A 28 -9.75 21.03 -0.79
C LYS A 28 -10.80 22.19 -0.76
N ILE A 29 -11.54 22.47 -1.88
CA ILE A 29 -12.49 23.61 -1.81
C ILE A 29 -13.81 23.14 -1.26
N ASN A 30 -13.84 22.95 0.08
CA ASN A 30 -15.04 22.28 0.70
C ASN A 30 -15.34 23.10 2.00
N GLY A 31 -16.51 23.73 2.03
CA GLY A 31 -16.89 24.56 3.16
C GLY A 31 -17.01 23.90 4.51
N THR A 32 -16.83 22.59 4.60
N THR A 32 -16.89 22.58 4.58
CA THR A 32 -16.73 21.90 5.91
CA THR A 32 -16.75 21.91 5.89
C THR A 32 -15.35 22.08 6.57
C THR A 32 -15.46 22.41 6.55
N ILE A 33 -14.38 22.48 5.77
CA ILE A 33 -13.01 22.83 6.25
C ILE A 33 -13.04 24.23 6.82
N PRO A 34 -12.73 24.37 8.15
CA PRO A 34 -12.89 25.71 8.67
C PRO A 34 -12.26 26.87 7.87
N SER A 35 -10.99 26.77 7.44
CA SER A 35 -10.42 27.87 6.65
C SER A 35 -11.21 28.26 5.38
N VAL A 36 -11.77 27.25 4.70
CA VAL A 36 -12.61 27.53 3.51
C VAL A 36 -13.99 28.13 3.89
N LYS A 37 -14.63 27.62 4.95
CA LYS A 37 -15.91 28.17 5.40
C LYS A 37 -15.66 29.65 5.73
N LYS A 38 -14.55 29.93 6.42
CA LYS A 38 -14.22 31.36 6.67
C LYS A 38 -14.05 32.17 5.39
N ALA A 39 -13.30 31.66 4.38
CA ALA A 39 -13.14 32.33 3.07
C ALA A 39 -14.45 32.62 2.31
N ILE A 40 -15.40 31.68 2.39
CA ILE A 40 -16.68 31.89 1.77
C ILE A 40 -17.43 33.03 2.54
N GLU A 41 -17.40 33.00 3.87
CA GLU A 41 -18.05 34.03 4.72
C GLU A 41 -17.44 35.37 4.49
N ALA A 42 -16.12 35.39 4.39
CA ALA A 42 -15.36 36.61 4.09
C ALA A 42 -15.33 36.98 2.60
N LYS A 43 -15.66 36.06 1.67
CA LYS A 43 -15.61 36.29 0.21
C LYS A 43 -14.16 36.55 -0.27
N ASP A 44 -13.26 35.79 0.37
CA ASP A 44 -11.84 35.82 0.17
C ASP A 44 -11.53 34.98 -1.05
N GLU A 45 -11.64 35.59 -2.24
CA GLU A 45 -11.28 34.92 -3.51
C GLU A 45 -9.90 34.38 -3.61
N LYS A 46 -8.92 35.10 -3.08
CA LYS A 46 -7.53 34.69 -3.20
C LYS A 46 -7.31 33.29 -2.64
N LEU A 47 -7.93 32.95 -1.51
CA LEU A 47 -7.70 31.65 -0.89
C LEU A 47 -8.21 30.55 -1.86
N ILE A 48 -9.39 30.82 -2.43
CA ILE A 48 -10.05 29.81 -3.28
C ILE A 48 -9.27 29.67 -4.57
N ARG A 49 -8.85 30.81 -5.12
CA ARG A 49 -7.99 30.77 -6.30
C ARG A 49 -6.69 29.97 -6.06
N ASP A 50 -6.01 30.22 -4.95
CA ASP A 50 -4.78 29.52 -4.60
C ASP A 50 -5.00 28.03 -4.44
N LEU A 51 -6.14 27.62 -3.84
CA LEU A 51 -6.40 26.18 -3.73
C LEU A 51 -6.67 25.58 -5.11
N ALA A 52 -7.34 26.35 -5.98
CA ALA A 52 -7.66 25.77 -7.33
C ALA A 52 -6.32 25.55 -8.11
N LEU A 53 -5.50 26.58 -8.12
CA LEU A 53 -4.23 26.50 -8.80
C LEU A 53 -3.28 25.47 -8.23
N ARG A 54 -3.14 25.42 -6.89
CA ARG A 54 -2.20 24.51 -6.33
C ARG A 54 -2.61 23.09 -6.60
N GLN A 55 -3.94 22.83 -6.54
CA GLN A 55 -4.43 21.44 -6.74
C GLN A 55 -4.20 21.05 -8.25
N SER A 56 -4.51 21.96 -9.19
CA SER A 56 -4.22 21.69 -10.52
C SER A 56 -2.75 21.38 -10.81
N GLU A 57 -1.86 22.21 -10.28
CA GLU A 57 -0.40 22.03 -10.38
C GLU A 57 0.11 20.75 -9.78
N ALA A 58 -0.62 20.23 -8.77
CA ALA A 58 -0.24 18.96 -8.17
C ALA A 58 -0.79 17.76 -8.95
N GLY A 59 -1.60 18.02 -9.97
CA GLY A 59 -2.06 16.98 -10.85
C GLY A 59 -3.53 16.61 -10.75
N ALA A 60 -4.32 17.39 -10.03
CA ALA A 60 -5.78 17.07 -9.95
C ALA A 60 -6.31 17.06 -11.37
N ASP A 61 -7.18 16.12 -11.61
CA ASP A 61 -8.00 16.06 -12.83
C ASP A 61 -9.32 16.82 -12.77
N TYR A 62 -9.89 17.00 -11.58
CA TYR A 62 -11.14 17.70 -11.34
C TYR A 62 -10.93 18.43 -10.01
N ILE A 63 -11.59 19.59 -9.91
CA ILE A 63 -11.55 20.43 -8.71
C ILE A 63 -12.92 20.30 -8.05
N ASP A 64 -13.01 19.61 -6.90
CA ASP A 64 -14.30 19.48 -6.25
C ASP A 64 -14.67 20.88 -5.70
N VAL A 65 -15.97 21.23 -5.72
CA VAL A 65 -16.39 22.49 -5.07
C VAL A 65 -17.61 22.10 -4.23
N CYS A 66 -17.59 22.39 -2.92
CA CYS A 66 -18.74 22.07 -2.03
C CYS A 66 -18.98 23.27 -1.11
N ALA A 67 -20.19 23.80 -1.11
CA ALA A 67 -20.52 25.07 -0.39
C ALA A 67 -20.54 24.80 1.11
N SER A 68 -21.22 23.73 1.49
CA SER A 68 -21.43 23.39 2.91
C SER A 68 -22.04 24.57 3.72
N THR A 69 -22.89 25.32 3.08
CA THR A 69 -23.55 26.45 3.70
C THR A 69 -25.03 26.06 4.01
N SER A 70 -25.79 26.99 4.54
CA SER A 70 -27.21 26.77 4.71
C SER A 70 -27.83 26.52 3.35
N PRO A 71 -28.91 25.76 3.29
CA PRO A 71 -29.57 25.44 2.01
C PRO A 71 -29.85 26.67 1.12
N GLU A 72 -30.45 27.75 1.69
CA GLU A 72 -30.93 28.83 0.81
C GLU A 72 -29.75 29.68 0.30
N LEU A 73 -28.54 29.51 0.86
CA LEU A 73 -27.30 30.15 0.33
C LEU A 73 -26.47 29.24 -0.61
N GLU A 74 -26.85 27.98 -0.73
CA GLU A 74 -25.95 27.03 -1.46
C GLU A 74 -25.74 27.37 -2.94
N VAL A 75 -26.84 27.70 -3.63
CA VAL A 75 -26.75 27.90 -5.07
C VAL A 75 -25.86 29.12 -5.38
N GLU A 76 -26.09 30.23 -4.69
CA GLU A 76 -25.26 31.39 -4.94
C GLU A 76 -23.80 31.15 -4.47
N THR A 77 -23.57 30.29 -3.45
CA THR A 77 -22.21 30.07 -3.01
C THR A 77 -21.50 29.16 -4.05
N LEU A 78 -22.19 28.13 -4.52
CA LEU A 78 -21.56 27.26 -5.54
C LEU A 78 -21.22 28.11 -6.78
N GLN A 79 -22.14 29.00 -7.18
CA GLN A 79 -21.85 29.80 -8.39
C GLN A 79 -20.59 30.66 -8.14
N TRP A 80 -20.48 31.26 -6.95
CA TRP A 80 -19.30 32.06 -6.60
C TRP A 80 -18.02 31.21 -6.65
N LEU A 81 -18.04 30.00 -6.06
CA LEU A 81 -16.89 29.14 -6.05
C LEU A 81 -16.55 28.72 -7.47
N MET A 82 -17.57 28.42 -8.27
CA MET A 82 -17.34 27.95 -9.65
C MET A 82 -16.69 29.10 -10.47
N ASP A 83 -17.18 30.32 -10.28
CA ASP A 83 -16.59 31.48 -10.97
C ASP A 83 -15.13 31.68 -10.67
N ILE A 84 -14.78 31.61 -9.37
CA ILE A 84 -13.42 31.84 -9.00
C ILE A 84 -12.50 30.73 -9.49
N VAL A 85 -12.94 29.48 -9.38
CA VAL A 85 -12.09 28.37 -9.80
C VAL A 85 -11.84 28.50 -11.33
N GLN A 86 -12.90 28.80 -12.08
CA GLN A 86 -12.75 28.70 -13.59
C GLN A 86 -12.04 29.89 -14.13
N GLU A 87 -12.07 31.00 -13.39
CA GLU A 87 -11.14 32.09 -13.77
C GLU A 87 -9.69 31.72 -13.60
N ALA A 88 -9.38 30.90 -12.57
CA ALA A 88 -8.01 30.57 -12.29
C ALA A 88 -7.51 29.42 -13.11
N THR A 89 -8.36 28.41 -13.38
CA THR A 89 -7.87 27.20 -14.01
C THR A 89 -8.85 26.58 -14.96
N ASP A 90 -8.35 25.91 -15.99
CA ASP A 90 -9.28 25.19 -16.90
C ASP A 90 -9.49 23.72 -16.44
N THR A 91 -8.94 23.29 -15.29
CA THR A 91 -9.16 21.90 -14.80
C THR A 91 -10.68 21.81 -14.49
N PRO A 92 -11.39 20.83 -15.02
CA PRO A 92 -12.84 20.84 -14.91
C PRO A 92 -13.31 20.65 -13.42
N LEU A 93 -14.56 21.13 -13.24
CA LEU A 93 -15.20 21.10 -11.92
C LEU A 93 -15.77 19.75 -11.56
N CYS A 94 -15.75 19.48 -10.25
CA CYS A 94 -16.60 18.38 -9.72
C CYS A 94 -17.57 19.07 -8.75
N ILE A 95 -18.83 19.16 -9.14
CA ILE A 95 -19.84 19.97 -8.38
C ILE A 95 -20.34 19.05 -7.27
N ASP A 96 -20.07 19.40 -6.00
CA ASP A 96 -20.39 18.51 -4.83
C ASP A 96 -21.52 19.09 -4.04
N SER A 97 -22.68 18.41 -4.09
CA SER A 97 -23.85 18.85 -3.34
C SER A 97 -24.70 17.64 -2.95
N PRO A 98 -25.26 17.64 -1.73
CA PRO A 98 -26.19 16.61 -1.40
C PRO A 98 -27.58 16.98 -1.88
N ASN A 99 -27.76 18.15 -2.55
CA ASN A 99 -29.11 18.61 -2.99
C ASN A 99 -29.15 18.65 -4.52
N PRO A 100 -29.79 17.62 -5.12
CA PRO A 100 -29.80 17.63 -6.62
C PRO A 100 -30.37 18.91 -7.27
N ARG A 101 -31.35 19.55 -6.61
CA ARG A 101 -31.87 20.78 -7.17
C ARG A 101 -30.78 21.83 -7.27
N ALA A 102 -29.85 21.86 -6.32
CA ALA A 102 -28.77 22.86 -6.35
C ALA A 102 -27.86 22.59 -7.54
N ILE A 103 -27.60 21.32 -7.81
CA ILE A 103 -26.72 20.91 -8.93
C ILE A 103 -27.42 21.42 -10.22
N GLN A 104 -28.71 21.11 -10.31
CA GLN A 104 -29.47 21.55 -11.48
C GLN A 104 -29.36 23.05 -11.72
N GLN A 105 -29.39 23.85 -10.65
CA GLN A 105 -29.38 25.26 -10.78
C GLN A 105 -28.06 25.87 -11.07
N VAL A 106 -26.97 25.09 -10.97
CA VAL A 106 -25.63 25.67 -11.20
C VAL A 106 -24.95 25.05 -12.41
N LEU A 107 -25.49 23.96 -12.97
CA LEU A 107 -24.74 23.26 -14.05
C LEU A 107 -24.40 24.18 -15.20
N LEU A 108 -25.34 25.06 -15.54
CA LEU A 108 -25.10 26.03 -16.69
C LEU A 108 -23.97 27.04 -16.41
N TYR A 109 -23.52 27.20 -15.16
CA TYR A 109 -22.40 28.12 -14.86
C TYR A 109 -21.02 27.52 -15.16
N ALA A 110 -21.00 26.23 -15.42
CA ALA A 110 -19.72 25.56 -15.81
C ALA A 110 -19.38 25.83 -17.27
N LYS A 111 -18.13 26.20 -17.52
CA LYS A 111 -17.67 26.51 -18.88
C LYS A 111 -17.41 25.26 -19.73
N ARG A 112 -17.31 24.07 -19.13
CA ARG A 112 -16.98 22.87 -19.84
C ARG A 112 -17.51 21.73 -18.95
N PRO A 113 -17.71 20.56 -19.52
CA PRO A 113 -18.18 19.43 -18.72
C PRO A 113 -17.19 18.92 -17.67
N GLY A 114 -17.68 18.50 -16.52
CA GLY A 114 -16.87 17.91 -15.48
C GLY A 114 -17.54 16.72 -14.83
N LEU A 115 -17.64 16.75 -13.51
CA LEU A 115 -18.17 15.60 -12.74
C LEU A 115 -19.24 16.11 -11.82
N ILE A 116 -20.30 15.31 -11.66
CA ILE A 116 -21.33 15.66 -10.69
C ILE A 116 -21.18 14.71 -9.48
N ASN A 117 -21.15 15.26 -8.26
CA ASN A 117 -20.95 14.55 -7.05
C ASN A 117 -22.15 14.89 -6.14
N SER A 118 -23.26 14.11 -6.12
CA SER A 118 -23.33 12.76 -6.67
C SER A 118 -24.82 12.39 -6.80
N VAL A 119 -25.05 11.23 -7.41
CA VAL A 119 -26.40 10.63 -7.29
C VAL A 119 -26.32 9.39 -6.43
N SER A 120 -27.50 8.90 -6.02
CA SER A 120 -27.62 7.62 -5.30
C SER A 120 -29.10 7.20 -5.52
N LEU A 121 -29.49 6.08 -4.91
CA LEU A 121 -30.85 5.59 -5.04
C LEU A 121 -31.73 6.29 -4.04
N GLU A 122 -31.17 7.21 -3.28
CA GLU A 122 -32.02 7.92 -2.32
C GLU A 122 -32.98 8.93 -2.98
N GLY A 123 -34.18 9.11 -2.42
CA GLY A 123 -35.09 10.18 -2.87
C GLY A 123 -35.25 10.25 -4.38
N ASP A 124 -35.05 11.44 -4.94
CA ASP A 124 -35.29 11.62 -6.41
C ASP A 124 -33.97 12.01 -7.10
N LYS A 125 -32.81 11.62 -6.48
CA LYS A 125 -31.48 12.02 -7.04
C LYS A 125 -31.33 11.63 -8.54
N CYS A 126 -31.67 10.40 -8.89
CA CYS A 126 -31.45 9.94 -10.30
C CYS A 126 -32.47 10.61 -11.24
N GLU A 127 -33.70 10.85 -10.73
CA GLU A 127 -34.71 11.51 -11.53
C GLU A 127 -34.44 12.97 -11.85
N VAL A 128 -33.68 13.62 -10.97
CA VAL A 128 -33.22 14.99 -11.17
C VAL A 128 -31.96 15.02 -12.01
N ILE A 129 -30.96 14.29 -11.59
CA ILE A 129 -29.61 14.47 -12.20
C ILE A 129 -29.49 13.80 -13.57
N PHE A 130 -30.03 12.61 -13.73
CA PHE A 130 -29.85 11.92 -15.04
C PHE A 130 -30.42 12.68 -16.25
N PRO A 131 -31.66 13.28 -16.17
CA PRO A 131 -32.12 14.02 -17.35
C PRO A 131 -31.28 15.25 -17.58
N LEU A 132 -30.67 15.80 -16.53
N LEU A 132 -30.68 15.75 -16.49
CA LEU A 132 -29.79 16.93 -16.52
C LEU A 132 -28.51 16.72 -17.36
N ILE A 133 -27.98 15.49 -17.34
CA ILE A 133 -26.74 15.15 -18.08
C ILE A 133 -26.95 14.23 -19.30
N GLN A 134 -28.19 13.78 -19.55
CA GLN A 134 -28.51 13.01 -20.79
C GLN A 134 -28.10 13.79 -22.02
N GLY A 135 -27.42 13.18 -22.96
CA GLY A 135 -27.01 13.97 -24.13
C GLY A 135 -25.86 14.93 -23.95
N THR A 136 -25.23 14.92 -22.77
CA THR A 136 -24.05 15.80 -22.48
C THR A 136 -22.82 14.96 -22.23
N SER A 137 -21.70 15.60 -22.05
CA SER A 137 -20.46 14.88 -21.67
C SER A 137 -20.14 14.87 -20.18
N TRP A 138 -21.06 15.38 -19.37
CA TRP A 138 -20.84 15.27 -17.90
C TRP A 138 -20.70 13.85 -17.42
N GLN A 139 -19.78 13.69 -16.45
CA GLN A 139 -19.65 12.37 -15.78
C GLN A 139 -20.35 12.49 -14.38
N VAL A 140 -20.59 11.36 -13.77
CA VAL A 140 -21.35 11.37 -12.51
C VAL A 140 -20.78 10.38 -11.51
N ILE A 141 -20.69 10.79 -10.24
CA ILE A 141 -20.36 9.87 -9.12
C ILE A 141 -21.65 9.32 -8.62
N ALA A 142 -21.74 8.01 -8.49
CA ALA A 142 -23.00 7.39 -7.99
C ALA A 142 -22.64 6.58 -6.73
N LEU A 143 -23.26 6.94 -5.59
CA LEU A 143 -22.98 6.28 -4.33
C LEU A 143 -23.84 5.04 -4.12
N THR A 144 -23.25 4.00 -3.52
CA THR A 144 -24.03 2.82 -3.22
C THR A 144 -24.77 2.97 -1.89
N CYS A 145 -25.81 3.81 -1.91
CA CYS A 145 -26.71 3.95 -0.78
C CYS A 145 -28.13 4.24 -1.29
N ASP A 146 -29.12 4.07 -0.38
CA ASP A 146 -30.47 4.15 -0.82
C ASP A 146 -31.32 4.72 0.35
N ASN A 147 -32.64 4.63 0.30
CA ASN A 147 -33.42 5.27 1.33
C ASN A 147 -33.17 4.67 2.72
N SER A 148 -32.67 3.44 2.79
CA SER A 148 -32.42 2.77 4.10
C SER A 148 -31.08 3.23 4.70
N GLY A 149 -30.26 3.93 3.94
CA GLY A 149 -28.97 4.37 4.40
C GLY A 149 -27.80 3.77 3.61
N ILE A 150 -26.65 3.74 4.27
CA ILE A 150 -25.41 3.14 3.68
C ILE A 150 -25.19 1.71 4.12
N PRO A 151 -25.37 0.68 3.23
CA PRO A 151 -25.14 -0.71 3.66
C PRO A 151 -23.65 -0.93 3.93
N GLN A 152 -23.37 -1.80 4.89
CA GLN A 152 -21.98 -2.17 5.19
C GLN A 152 -21.56 -3.36 4.34
N ASP A 153 -22.54 -4.17 3.92
CA ASP A 153 -22.20 -5.46 3.31
C ASP A 153 -21.93 -5.27 1.80
N VAL A 154 -21.21 -6.22 1.23
CA VAL A 154 -20.81 -6.20 -0.15
C VAL A 154 -22.07 -6.41 -1.03
N GLN A 155 -22.84 -7.44 -0.77
CA GLN A 155 -23.92 -7.79 -1.70
C GLN A 155 -24.89 -6.65 -1.95
N SER A 156 -25.31 -5.98 -0.87
CA SER A 156 -26.29 -4.90 -1.02
C SER A 156 -25.73 -3.75 -1.85
N ARG A 157 -24.43 -3.47 -1.67
CA ARG A 157 -23.83 -2.34 -2.38
C ARG A 157 -23.69 -2.66 -3.89
N VAL A 158 -23.33 -3.92 -4.18
CA VAL A 158 -23.18 -4.38 -5.55
C VAL A 158 -24.54 -4.31 -6.22
N GLU A 159 -25.61 -4.69 -5.49
CA GLU A 159 -26.99 -4.63 -6.06
C GLU A 159 -27.41 -3.19 -6.29
N ILE A 160 -27.04 -2.27 -5.35
CA ILE A 160 -27.37 -0.86 -5.61
C ILE A 160 -26.63 -0.36 -6.85
N ALA A 161 -25.35 -0.74 -7.00
CA ALA A 161 -24.58 -0.26 -8.14
C ALA A 161 -25.30 -0.72 -9.44
N GLN A 162 -25.73 -2.02 -9.49
CA GLN A 162 -26.43 -2.51 -10.67
C GLN A 162 -27.68 -1.70 -11.00
N ALA A 163 -28.46 -1.37 -9.98
CA ALA A 163 -29.67 -0.56 -10.20
C ALA A 163 -29.37 0.85 -10.74
N LEU A 164 -28.30 1.44 -10.18
CA LEU A 164 -27.86 2.78 -10.63
C LEU A 164 -27.39 2.72 -12.09
N VAL A 165 -26.65 1.67 -12.45
CA VAL A 165 -26.10 1.59 -13.79
C VAL A 165 -27.27 1.37 -14.76
N GLU A 166 -28.23 0.53 -14.33
CA GLU A 166 -29.44 0.29 -15.19
C GLU A 166 -30.27 1.57 -15.37
N LYS A 167 -30.43 2.34 -14.29
CA LYS A 167 -31.20 3.63 -14.39
C LYS A 167 -30.43 4.59 -15.29
N ALA A 168 -29.07 4.66 -15.16
CA ALA A 168 -28.30 5.55 -16.01
C ALA A 168 -28.45 5.15 -17.51
N GLN A 169 -28.46 3.84 -17.80
CA GLN A 169 -28.56 3.32 -19.16
C GLN A 169 -29.90 3.80 -19.79
N SER A 170 -30.94 3.99 -18.97
CA SER A 170 -32.21 4.35 -19.59
C SER A 170 -32.20 5.84 -20.01
N TYR A 171 -31.16 6.58 -19.62
CA TYR A 171 -30.86 7.94 -20.15
C TYR A 171 -29.62 7.94 -21.07
N ASP A 172 -29.23 6.77 -21.58
CA ASP A 172 -28.17 6.67 -22.55
C ASP A 172 -26.89 7.16 -21.92
N ILE A 173 -26.76 7.00 -20.61
CA ILE A 173 -25.43 7.36 -19.96
C ILE A 173 -24.58 6.08 -19.90
N ALA A 174 -23.48 6.09 -20.64
CA ALA A 174 -22.60 4.94 -20.77
C ALA A 174 -21.85 4.65 -19.43
N GLN A 175 -21.55 3.36 -19.17
CA GLN A 175 -20.79 3.01 -17.94
C GLN A 175 -19.48 3.84 -17.77
N GLU A 176 -18.80 4.20 -18.88
CA GLU A 176 -17.50 4.91 -18.77
C GLU A 176 -17.66 6.29 -18.15
N ARG A 177 -18.90 6.80 -18.07
CA ARG A 177 -19.14 8.15 -17.54
C ARG A 177 -19.42 8.07 -16.03
N ILE A 178 -19.55 6.87 -15.48
CA ILE A 178 -20.01 6.66 -14.08
C ILE A 178 -18.84 6.29 -13.17
N HIS A 179 -18.80 6.90 -11.96
CA HIS A 179 -17.81 6.49 -10.97
C HIS A 179 -18.62 6.00 -9.78
N ILE A 180 -18.59 4.70 -9.56
CA ILE A 180 -19.31 4.11 -8.44
C ILE A 180 -18.51 4.30 -7.15
N ASP A 181 -19.12 4.91 -6.11
CA ASP A 181 -18.43 5.10 -4.80
C ASP A 181 -19.10 4.15 -3.85
N PRO A 182 -18.39 3.08 -3.43
CA PRO A 182 -18.91 2.17 -2.45
C PRO A 182 -19.01 2.67 -0.98
N LEU A 183 -18.73 3.92 -0.74
CA LEU A 183 -18.88 4.51 0.60
C LEU A 183 -18.26 3.69 1.72
N VAL A 184 -16.98 3.41 1.56
CA VAL A 184 -16.26 2.63 2.60
C VAL A 184 -16.46 3.35 3.95
N ILE A 185 -16.68 2.54 4.97
CA ILE A 185 -16.88 3.04 6.32
C ILE A 185 -15.55 2.96 7.11
N ALA A 186 -15.60 3.48 8.35
CA ALA A 186 -14.40 3.48 9.22
C ALA A 186 -13.92 2.05 9.54
N LEU A 187 -12.61 1.85 9.38
CA LEU A 187 -12.01 0.56 9.77
C LEU A 187 -12.27 0.23 11.27
N SER A 188 -12.35 1.25 12.08
CA SER A 188 -12.64 1.05 13.51
C SER A 188 -14.09 0.55 13.77
N ALA A 189 -15.00 0.84 12.83
CA ALA A 189 -16.42 0.39 12.87
C ALA A 189 -16.53 -1.01 12.21
N ASP A 190 -15.72 -1.30 11.19
CA ASP A 190 -15.68 -2.61 10.55
C ASP A 190 -14.26 -2.96 10.06
N ASN A 191 -13.64 -3.89 10.77
CA ASN A 191 -12.21 -4.20 10.46
C ASN A 191 -12.03 -4.82 9.07
N GLY A 192 -13.18 -5.21 8.47
CA GLY A 192 -13.20 -5.71 7.09
C GLY A 192 -13.45 -4.69 6.06
N ALA A 193 -13.44 -3.40 6.42
CA ALA A 193 -13.86 -2.36 5.49
C ALA A 193 -13.09 -2.33 4.15
N LEU A 194 -11.74 -2.47 4.21
CA LEU A 194 -10.97 -2.45 2.96
C LEU A 194 -11.15 -3.80 2.24
N LEU A 195 -11.19 -4.93 2.96
CA LEU A 195 -11.43 -6.23 2.30
C LEU A 195 -12.78 -6.17 1.52
N LYS A 196 -13.79 -5.59 2.13
CA LYS A 196 -15.10 -5.47 1.46
C LYS A 196 -15.09 -4.49 0.36
N PHE A 197 -14.33 -3.43 0.51
CA PHE A 197 -14.18 -2.51 -0.57
C PHE A 197 -13.57 -3.18 -1.79
N ALA A 198 -12.57 -4.02 -1.56
CA ALA A 198 -11.86 -4.64 -2.68
C ALA A 198 -12.82 -5.66 -3.33
N GLU A 199 -13.61 -6.35 -2.55
CA GLU A 199 -14.51 -7.36 -3.10
C GLU A 199 -15.67 -6.71 -3.82
N ALA A 200 -16.19 -5.60 -3.30
CA ALA A 200 -17.26 -4.93 -4.07
C ALA A 200 -16.69 -4.40 -5.39
N THR A 201 -15.48 -3.85 -5.37
CA THR A 201 -14.83 -3.31 -6.56
C THR A 201 -14.67 -4.42 -7.60
N ARG A 202 -14.22 -5.61 -7.19
CA ARG A 202 -14.05 -6.73 -8.13
C ARG A 202 -15.33 -7.11 -8.75
N GLN A 203 -16.39 -7.18 -7.95
CA GLN A 203 -17.70 -7.60 -8.51
C GLN A 203 -18.29 -6.53 -9.43
N ILE A 204 -18.20 -5.28 -9.05
CA ILE A 204 -18.75 -4.22 -9.89
C ILE A 204 -18.04 -4.15 -11.23
N LYS A 205 -16.73 -4.27 -11.21
CA LYS A 205 -15.94 -4.15 -12.45
C LYS A 205 -16.17 -5.42 -13.29
N ALA A 206 -16.43 -6.56 -12.63
CA ALA A 206 -16.70 -7.79 -13.40
C ALA A 206 -18.00 -7.59 -14.18
N ASN A 207 -19.04 -7.01 -13.55
CA ASN A 207 -20.29 -6.78 -14.21
C ASN A 207 -20.20 -5.70 -15.27
N TYR A 208 -19.37 -4.70 -15.00
CA TYR A 208 -19.35 -3.49 -15.84
C TYR A 208 -17.88 -3.08 -16.09
N PRO A 209 -17.22 -3.72 -17.04
CA PRO A 209 -15.78 -3.57 -17.14
C PRO A 209 -15.32 -2.20 -17.57
N MET A 210 -16.25 -1.37 -18.08
CA MET A 210 -15.85 0.01 -18.49
C MET A 210 -16.15 1.03 -17.42
N ILE A 211 -16.72 0.61 -16.31
CA ILE A 211 -17.12 1.60 -15.24
C ILE A 211 -15.87 2.03 -14.45
N ASN A 212 -16.00 3.14 -13.73
CA ASN A 212 -14.97 3.53 -12.80
C ASN A 212 -15.47 3.26 -11.41
N VAL A 213 -14.56 2.93 -10.49
CA VAL A 213 -14.84 2.86 -9.02
C VAL A 213 -14.00 3.89 -8.34
N THR A 214 -14.66 4.64 -7.40
CA THR A 214 -14.04 5.82 -6.81
C THR A 214 -14.23 5.68 -5.28
N SER A 215 -13.44 6.46 -4.51
CA SER A 215 -13.62 6.53 -3.05
C SER A 215 -13.03 7.84 -2.57
N GLY A 216 -13.53 8.28 -1.42
CA GLY A 216 -12.76 9.21 -0.58
C GLY A 216 -11.77 8.44 0.25
N LEU A 217 -10.80 9.17 0.79
CA LEU A 217 -9.78 8.47 1.59
C LEU A 217 -10.02 8.61 3.09
N SER A 218 -10.72 9.62 3.51
CA SER A 218 -10.72 9.97 4.96
C SER A 218 -11.60 9.12 5.88
N ASN A 219 -12.76 8.66 5.40
CA ASN A 219 -13.68 7.93 6.27
C ASN A 219 -13.04 6.66 6.87
N ILE A 220 -12.13 6.05 6.10
CA ILE A 220 -11.56 4.81 6.56
C ILE A 220 -10.82 4.93 7.91
N SER A 221 -10.30 6.10 8.19
CA SER A 221 -9.39 6.22 9.38
C SER A 221 -10.11 6.85 10.58
N PHE A 222 -11.39 7.12 10.43
CA PHE A 222 -12.07 7.75 11.61
C PHE A 222 -12.04 6.88 12.84
N GLY A 223 -11.74 7.45 14.03
CA GLY A 223 -11.61 6.57 15.20
C GLY A 223 -10.23 5.92 15.43
N MET A 224 -9.25 6.25 14.59
CA MET A 224 -7.89 5.68 14.73
C MET A 224 -6.96 6.86 14.86
N PRO A 225 -5.79 6.70 15.53
CA PRO A 225 -4.75 7.75 15.51
C PRO A 225 -3.99 7.70 14.27
N LEU A 226 -3.14 8.72 14.00
CA LEU A 226 -2.31 8.79 12.76
C LEU A 226 -3.18 8.53 11.54
N ARG A 227 -4.31 9.20 11.45
CA ARG A 227 -5.18 9.10 10.31
C ARG A 227 -4.50 9.26 8.98
N LYS A 228 -3.56 10.19 8.84
CA LYS A 228 -2.92 10.44 7.54
C LYS A 228 -2.16 9.12 7.09
N VAL A 229 -1.57 8.40 8.05
CA VAL A 229 -0.85 7.11 7.77
C VAL A 229 -1.86 6.10 7.28
N VAL A 230 -2.96 5.96 8.01
CA VAL A 230 -3.98 5.00 7.63
C VAL A 230 -4.51 5.38 6.26
N ASN A 231 -4.80 6.67 6.03
CA ASN A 231 -5.43 7.01 4.76
C ASN A 231 -4.46 6.65 3.57
N GLN A 232 -3.16 6.89 3.78
CA GLN A 232 -2.17 6.66 2.71
C GLN A 232 -2.04 5.14 2.42
N ASN A 233 -2.03 4.34 3.44
CA ASN A 233 -2.03 2.88 3.20
C ASN A 233 -3.32 2.40 2.56
N PHE A 234 -4.46 3.01 2.96
CA PHE A 234 -5.69 2.65 2.31
C PHE A 234 -5.64 2.97 0.82
N LEU A 235 -5.08 4.16 0.46
CA LEU A 235 -4.97 4.53 -0.95
C LEU A 235 -4.18 3.46 -1.73
N THR A 236 -3.02 3.12 -1.18
CA THR A 236 -2.14 2.11 -1.88
C THR A 236 -2.91 0.79 -2.10
N LEU A 237 -3.56 0.30 -1.07
CA LEU A 237 -4.31 -0.99 -1.17
C LEU A 237 -5.48 -0.81 -2.15
N ALA A 238 -6.18 0.33 -2.06
CA ALA A 238 -7.40 0.43 -2.91
C ALA A 238 -7.00 0.61 -4.39
N MET A 239 -5.86 1.29 -4.65
CA MET A 239 -5.31 1.33 -6.01
C MET A 239 -5.02 -0.13 -6.54
N PHE A 240 -4.39 -0.93 -5.71
CA PHE A 240 -4.08 -2.33 -6.16
C PHE A 240 -5.38 -3.13 -6.37
N ALA A 241 -6.37 -2.86 -5.56
CA ALA A 241 -7.68 -3.51 -5.71
C ALA A 241 -8.47 -3.04 -6.95
N GLY A 242 -8.05 -1.97 -7.58
CA GLY A 242 -8.66 -1.53 -8.84
C GLY A 242 -9.40 -0.23 -8.81
N MET A 243 -9.22 0.51 -7.72
CA MET A 243 -9.84 1.87 -7.70
C MET A 243 -9.36 2.71 -8.90
N ASP A 244 -10.30 3.43 -9.57
CA ASP A 244 -10.00 4.24 -10.76
C ASP A 244 -9.84 5.70 -10.48
N SER A 245 -10.58 6.19 -9.49
CA SER A 245 -10.49 7.65 -9.19
C SER A 245 -10.57 7.77 -7.69
N ALA A 246 -10.12 8.93 -7.21
CA ALA A 246 -10.35 9.20 -5.76
C ALA A 246 -10.45 10.63 -5.45
N ILE A 247 -11.22 10.91 -4.40
N ILE A 247 -11.21 10.91 -4.41
CA ILE A 247 -11.37 12.31 -3.88
CA ILE A 247 -11.28 12.30 -3.90
C ILE A 247 -10.36 12.44 -2.74
C ILE A 247 -10.28 12.39 -2.77
N LEU A 248 -9.35 13.30 -2.90
CA LEU A 248 -8.26 13.34 -1.92
C LEU A 248 -7.61 14.72 -1.93
N ASP A 249 -6.62 14.88 -1.03
CA ASP A 249 -5.88 16.14 -0.90
C ASP A 249 -4.53 15.97 -1.65
N PRO A 250 -4.38 16.55 -2.87
CA PRO A 250 -3.11 16.38 -3.54
C PRO A 250 -2.07 17.35 -3.13
N LEU A 251 -2.42 18.26 -2.18
CA LEU A 251 -1.39 19.14 -1.59
C LEU A 251 -0.64 18.49 -0.43
N ASN A 252 -1.05 17.28 -0.06
CA ASN A 252 -0.37 16.55 1.05
C ASN A 252 0.83 15.86 0.40
N ARG A 253 2.05 16.29 0.68
CA ARG A 253 3.26 15.85 -0.05
C ARG A 253 3.52 14.33 0.25
N ASP A 254 3.19 13.89 1.45
CA ASP A 254 3.44 12.45 1.80
C ASP A 254 2.46 11.57 1.06
N LEU A 255 1.19 12.02 0.98
CA LEU A 255 0.17 11.28 0.20
C LEU A 255 0.53 11.25 -1.28
N LEU A 256 1.02 12.39 -1.82
CA LEU A 256 1.35 12.45 -3.25
C LEU A 256 2.57 11.48 -3.55
N ALA A 257 3.52 11.38 -2.64
CA ALA A 257 4.71 10.52 -2.83
C ALA A 257 4.20 9.08 -2.78
N ALA A 258 3.28 8.79 -1.88
CA ALA A 258 2.70 7.39 -1.86
C ALA A 258 1.93 7.09 -3.21
N LEU A 259 1.13 8.06 -3.69
CA LEU A 259 0.35 7.89 -4.91
C LEU A 259 1.31 7.60 -6.07
N LEU A 260 2.33 8.47 -6.22
CA LEU A 260 3.22 8.32 -7.33
C LEU A 260 4.13 7.04 -7.19
N ALA A 261 4.55 6.70 -5.97
CA ALA A 261 5.33 5.44 -5.82
C ALA A 261 4.41 4.27 -6.22
N THR A 262 3.14 4.31 -5.77
CA THR A 262 2.25 3.18 -6.06
C THR A 262 1.93 3.11 -7.56
N GLU A 263 1.77 4.25 -8.23
CA GLU A 263 1.60 4.19 -9.72
C GLU A 263 2.81 3.48 -10.35
N ALA A 264 4.03 3.83 -9.90
CA ALA A 264 5.25 3.17 -10.48
C ALA A 264 5.25 1.65 -10.12
N LEU A 265 4.89 1.31 -8.88
CA LEU A 265 4.86 -0.11 -8.48
C LEU A 265 3.80 -0.89 -9.24
N LEU A 266 2.71 -0.24 -9.66
CA LEU A 266 1.68 -0.97 -10.42
C LEU A 266 1.96 -1.03 -11.94
N GLY A 267 3.16 -0.58 -12.31
CA GLY A 267 3.60 -0.73 -13.71
C GLY A 267 3.07 0.38 -14.57
N ARG A 268 2.55 1.45 -13.96
CA ARG A 268 1.91 2.53 -14.76
C ARG A 268 2.79 3.78 -14.97
N ASP A 269 4.05 3.70 -14.63
CA ASP A 269 4.91 4.92 -14.77
C ASP A 269 6.13 4.41 -15.51
N LYS A 270 6.13 4.51 -16.85
CA LYS A 270 7.18 3.94 -17.71
C LYS A 270 8.53 4.54 -17.28
N HIS A 271 9.51 3.68 -17.04
CA HIS A 271 10.85 4.01 -16.54
C HIS A 271 10.86 4.79 -15.23
N CYS A 272 9.74 4.73 -14.49
CA CYS A 272 9.55 5.46 -13.23
C CYS A 272 9.83 6.96 -13.41
N ARG A 273 9.60 7.45 -14.62
CA ARG A 273 9.90 8.87 -15.02
C ARG A 273 9.10 9.93 -14.26
N ASN A 274 7.79 9.73 -14.08
CA ASN A 274 6.98 10.67 -13.29
C ASN A 274 7.40 10.75 -11.86
N PHE A 275 7.64 9.58 -11.21
CA PHE A 275 8.23 9.64 -9.91
C PHE A 275 9.58 10.42 -9.84
N ALA A 276 10.51 10.08 -10.71
CA ALA A 276 11.84 10.77 -10.77
C ALA A 276 11.70 12.27 -11.06
N ASN A 277 10.74 12.63 -11.92
CA ASN A 277 10.52 14.09 -12.19
C ASN A 277 9.91 14.84 -11.00
N ALA A 278 8.93 14.24 -10.29
CA ALA A 278 8.38 14.89 -9.11
C ALA A 278 9.44 15.05 -8.03
N TYR A 279 10.35 14.07 -7.89
CA TYR A 279 11.46 14.25 -6.98
C TYR A 279 12.37 15.42 -7.41
N ARG A 280 12.70 15.43 -8.69
CA ARG A 280 13.69 16.45 -9.24
C ARG A 280 13.07 17.85 -9.12
N LYS A 281 11.76 17.95 -9.29
CA LYS A 281 11.06 19.25 -9.15
C LYS A 281 10.72 19.61 -7.72
N ASN A 282 11.08 18.76 -6.76
CA ASN A 282 10.71 18.98 -5.36
C ASN A 282 9.19 19.01 -5.06
N LYS A 283 8.39 18.37 -5.88
CA LYS A 283 6.96 18.13 -5.57
C LYS A 283 6.75 17.05 -4.44
N ILE A 284 7.74 16.14 -4.31
CA ILE A 284 7.71 15.11 -3.27
C ILE A 284 9.14 15.00 -2.69
N GLY A 285 9.22 14.42 -1.50
CA GLY A 285 10.46 14.41 -0.73
C GLY A 285 10.52 15.62 0.19
N PRO A 286 11.62 15.74 0.94
CA PRO A 286 11.82 16.89 1.83
C PRO A 286 11.77 18.22 1.05
N LEU A 287 10.99 19.18 1.57
CA LEU A 287 10.86 20.54 0.99
C LEU A 287 12.25 21.16 0.98
N LYS A 288 12.80 21.50 -0.18
CA LYS A 288 14.15 22.08 -0.27
C LYS A 288 14.15 23.52 0.21
N HIS B 20 -2.55 -14.48 8.95
CA HIS B 20 -1.72 -14.32 10.17
C HIS B 20 -1.01 -12.97 10.03
N MET B 21 -0.62 -12.40 11.14
CA MET B 21 0.27 -11.25 11.10
C MET B 21 1.59 -11.53 10.30
N LEU B 22 2.04 -10.52 9.56
CA LEU B 22 3.37 -10.68 8.92
C LEU B 22 4.49 -11.00 9.92
N ILE B 23 5.29 -11.97 9.53
CA ILE B 23 6.45 -12.43 10.31
C ILE B 23 7.59 -11.48 9.96
N ILE B 24 8.22 -10.84 10.97
CA ILE B 24 9.24 -9.79 10.74
C ILE B 24 10.65 -10.35 11.07
N ILE B 25 11.54 -10.34 10.07
CA ILE B 25 12.94 -10.78 10.24
C ILE B 25 13.69 -9.45 10.31
N GLY B 26 14.25 -9.10 11.51
CA GLY B 26 14.88 -7.77 11.55
C GLY B 26 16.28 -7.81 10.93
N GLU B 27 16.54 -6.88 10.02
CA GLU B 27 17.66 -6.94 9.12
C GLU B 27 18.94 -6.22 9.58
N LYS B 28 18.86 -5.54 10.73
CA LYS B 28 19.94 -4.52 10.97
C LYS B 28 21.34 -5.03 11.32
N ILE B 29 21.46 -6.28 11.82
CA ILE B 29 22.82 -6.78 12.24
C ILE B 29 23.45 -7.40 11.03
N ASN B 30 23.92 -6.49 10.13
CA ASN B 30 24.49 -6.97 8.84
C ASN B 30 25.76 -6.15 8.56
N GLY B 31 26.87 -6.84 8.48
CA GLY B 31 28.22 -6.19 8.29
C GLY B 31 28.34 -5.39 7.01
N THR B 32 27.41 -5.42 6.11
CA THR B 32 27.41 -4.43 4.95
C THR B 32 27.14 -3.02 5.38
N ILE B 33 26.55 -2.83 6.53
CA ILE B 33 26.24 -1.53 7.02
C ILE B 33 27.48 -1.06 7.72
N PRO B 34 28.01 0.12 7.28
CA PRO B 34 29.28 0.51 7.81
C PRO B 34 29.38 0.61 9.36
N SER B 35 28.32 1.03 10.07
CA SER B 35 28.39 1.05 11.52
C SER B 35 28.52 -0.34 12.14
N VAL B 36 27.92 -1.35 11.51
CA VAL B 36 27.99 -2.69 12.00
C VAL B 36 29.38 -3.29 11.69
N LYS B 37 29.88 -3.01 10.47
CA LYS B 37 31.22 -3.49 10.09
C LYS B 37 32.20 -2.97 11.15
N LYS B 38 32.07 -1.68 11.51
CA LYS B 38 32.99 -1.10 12.45
C LYS B 38 32.86 -1.70 13.82
N ALA B 39 31.61 -1.97 14.25
CA ALA B 39 31.38 -2.61 15.56
C ALA B 39 32.02 -4.02 15.59
N ILE B 40 31.89 -4.77 14.49
CA ILE B 40 32.57 -6.09 14.40
C ILE B 40 34.10 -5.95 14.64
N GLU B 41 34.68 -5.05 13.88
CA GLU B 41 36.18 -4.85 13.95
C GLU B 41 36.53 -4.46 15.38
N ALA B 42 35.76 -3.57 16.03
CA ALA B 42 36.04 -3.16 17.47
C ALA B 42 35.61 -4.13 18.55
N LYS B 43 34.85 -5.17 18.16
CA LYS B 43 34.14 -5.96 19.17
C LYS B 43 33.26 -5.11 20.06
N ASP B 44 32.51 -4.20 19.44
CA ASP B 44 31.59 -3.34 20.14
C ASP B 44 30.30 -4.09 20.50
N GLU B 45 30.28 -4.77 21.63
CA GLU B 45 29.14 -5.56 22.08
C GLU B 45 27.92 -4.71 22.31
N LYS B 46 28.09 -3.49 22.83
CA LYS B 46 26.93 -2.72 23.21
C LYS B 46 26.09 -2.33 22.00
N LEU B 47 26.78 -2.06 20.90
CA LEU B 47 26.08 -1.59 19.71
C LEU B 47 25.22 -2.80 19.20
N ILE B 48 25.85 -3.98 19.11
CA ILE B 48 25.08 -5.20 18.68
C ILE B 48 24.00 -5.54 19.60
N ARG B 49 24.24 -5.48 20.94
CA ARG B 49 23.09 -5.75 21.83
C ARG B 49 21.91 -4.80 21.66
N ASP B 50 22.28 -3.55 21.43
CA ASP B 50 21.26 -2.54 21.29
C ASP B 50 20.41 -2.75 20.00
N LEU B 51 21.08 -3.12 18.90
CA LEU B 51 20.25 -3.46 17.71
C LEU B 51 19.40 -4.66 17.91
N ALA B 52 19.93 -5.66 18.63
CA ALA B 52 19.13 -6.85 18.90
C ALA B 52 17.88 -6.57 19.73
N LEU B 53 18.14 -5.92 20.84
CA LEU B 53 17.02 -5.60 21.73
C LEU B 53 16.00 -4.62 21.12
N ARG B 54 16.45 -3.53 20.51
CA ARG B 54 15.48 -2.59 19.83
C ARG B 54 14.69 -3.30 18.73
N GLN B 55 15.32 -4.19 17.95
CA GLN B 55 14.51 -4.84 16.86
C GLN B 55 13.46 -5.76 17.49
N GLU B 57 12.03 -5.44 20.39
CA GLU B 57 11.01 -4.59 20.98
C GLU B 57 10.05 -4.08 19.90
N ALA B 58 10.61 -3.68 18.76
CA ALA B 58 9.79 -3.20 17.65
C ALA B 58 8.93 -4.28 17.04
N GLY B 59 9.04 -5.56 17.45
CA GLY B 59 8.18 -6.57 16.84
C GLY B 59 8.87 -7.67 16.06
N ALA B 60 10.22 -7.62 15.97
CA ALA B 60 10.87 -8.63 15.20
C ALA B 60 10.55 -10.04 15.74
N ASP B 61 10.32 -10.97 14.83
CA ASP B 61 10.16 -12.39 15.18
C ASP B 61 11.48 -13.18 15.06
N TYR B 62 12.44 -12.66 14.29
CA TYR B 62 13.76 -13.30 14.11
C TYR B 62 14.71 -12.13 13.98
N ILE B 63 15.94 -12.37 14.48
CA ILE B 63 16.99 -11.35 14.37
C ILE B 63 18.02 -11.90 13.37
N ASP B 64 18.07 -11.23 12.17
CA ASP B 64 19.03 -11.71 11.16
C ASP B 64 20.48 -11.39 11.65
N VAL B 65 21.40 -12.29 11.37
CA VAL B 65 22.81 -11.95 11.65
C VAL B 65 23.62 -12.29 10.40
N CYS B 66 24.37 -11.28 9.87
CA CYS B 66 25.12 -11.53 8.62
C CYS B 66 26.50 -10.90 8.79
N ALA B 67 27.53 -11.71 8.66
CA ALA B 67 28.86 -11.18 8.94
C ALA B 67 29.36 -10.24 7.87
N SER B 68 29.15 -10.57 6.61
CA SER B 68 29.59 -9.73 5.50
C SER B 68 31.08 -9.45 5.57
N THR B 69 31.85 -10.40 6.09
CA THR B 69 33.31 -10.26 6.18
C THR B 69 33.96 -11.14 5.05
N SER B 70 35.27 -11.24 5.07
CA SER B 70 35.94 -12.22 4.18
C SER B 70 35.60 -13.66 4.57
N PRO B 71 35.70 -14.60 3.67
CA PRO B 71 35.32 -16.00 3.87
C PRO B 71 36.00 -16.62 5.12
N GLU B 72 37.30 -16.41 5.26
CA GLU B 72 37.99 -17.06 6.36
C GLU B 72 37.69 -16.44 7.73
N LEU B 73 37.02 -15.29 7.81
CA LEU B 73 36.68 -14.66 9.10
C LEU B 73 35.14 -14.89 9.41
N GLU B 74 34.38 -15.44 8.45
CA GLU B 74 32.90 -15.41 8.59
C GLU B 74 32.39 -16.25 9.77
N VAL B 75 32.94 -17.42 9.96
CA VAL B 75 32.42 -18.33 11.02
C VAL B 75 32.68 -17.76 12.38
N GLU B 76 33.90 -17.31 12.63
CA GLU B 76 34.12 -16.71 13.95
C GLU B 76 33.32 -15.42 14.17
N THR B 77 33.11 -14.65 13.11
CA THR B 77 32.28 -13.45 13.19
C THR B 77 30.81 -13.78 13.51
N LEU B 78 30.30 -14.75 12.77
CA LEU B 78 28.92 -15.17 13.07
C LEU B 78 28.78 -15.70 14.51
N GLN B 79 29.77 -16.46 14.99
CA GLN B 79 29.67 -17.01 16.37
C GLN B 79 29.64 -15.84 17.36
N TRP B 80 30.48 -14.80 17.14
CA TRP B 80 30.48 -13.64 18.00
C TRP B 80 29.16 -12.90 17.97
N LEU B 81 28.64 -12.64 16.77
CA LEU B 81 27.33 -11.95 16.70
C LEU B 81 26.21 -12.77 17.34
N MET B 82 26.24 -14.11 17.16
CA MET B 82 25.17 -14.98 17.76
C MET B 82 25.26 -14.98 19.26
N ASP B 83 26.49 -14.97 19.75
CA ASP B 83 26.67 -14.91 21.24
C ASP B 83 26.08 -13.62 21.79
N ILE B 84 26.48 -12.52 21.17
CA ILE B 84 26.06 -11.25 21.74
C ILE B 84 24.55 -11.03 21.61
N VAL B 85 23.95 -11.37 20.44
CA VAL B 85 22.51 -11.26 20.26
C VAL B 85 21.74 -12.06 21.31
N GLN B 86 22.17 -13.28 21.57
CA GLN B 86 21.36 -14.17 22.46
C GLN B 86 21.56 -13.70 23.91
N GLU B 87 22.64 -12.97 24.22
CA GLU B 87 22.72 -12.32 25.57
C GLU B 87 21.62 -11.31 25.72
N ALA B 88 21.27 -10.62 24.64
CA ALA B 88 20.32 -9.53 24.70
C ALA B 88 18.83 -9.88 24.56
N THR B 89 18.50 -10.91 23.78
CA THR B 89 17.11 -11.23 23.50
C THR B 89 16.94 -12.72 23.26
N ASP B 90 15.74 -13.20 23.60
CA ASP B 90 15.41 -14.57 23.31
C ASP B 90 14.73 -14.74 21.96
N THR B 91 14.57 -13.59 21.24
CA THR B 91 14.01 -13.69 19.92
C THR B 91 14.96 -14.52 19.06
N PRO B 92 14.46 -15.54 18.36
CA PRO B 92 15.36 -16.49 17.66
C PRO B 92 16.19 -15.85 16.54
N LEU B 93 17.27 -16.51 16.20
CA LEU B 93 18.21 -16.00 15.20
C LEU B 93 17.74 -16.42 13.77
N CYS B 94 18.05 -15.53 12.81
CA CYS B 94 18.07 -15.92 11.41
C CYS B 94 19.50 -15.85 10.89
N ILE B 95 20.11 -16.99 10.63
CA ILE B 95 21.56 -17.05 10.38
C ILE B 95 21.66 -16.75 8.86
N ASP B 96 22.33 -15.67 8.45
CA ASP B 96 22.32 -15.18 7.02
C ASP B 96 23.77 -15.38 6.53
N SER B 97 23.95 -16.38 5.68
CA SER B 97 25.19 -16.57 5.03
C SER B 97 24.96 -17.11 3.60
N PRO B 98 25.87 -16.78 2.68
CA PRO B 98 25.76 -17.36 1.32
C PRO B 98 26.54 -18.66 1.28
N ASN B 99 27.16 -19.06 2.38
CA ASN B 99 28.06 -20.24 2.38
C ASN B 99 27.48 -21.29 3.30
N PRO B 100 26.98 -22.40 2.76
CA PRO B 100 26.30 -23.38 3.60
C PRO B 100 27.28 -23.99 4.62
N ARG B 101 28.58 -24.16 4.29
CA ARG B 101 29.51 -24.66 5.31
C ARG B 101 29.56 -23.74 6.54
N ALA B 102 29.46 -22.40 6.35
CA ALA B 102 29.49 -21.51 7.50
C ALA B 102 28.28 -21.72 8.40
N ILE B 103 27.13 -21.87 7.76
CA ILE B 103 25.92 -22.16 8.51
C ILE B 103 26.09 -23.47 9.32
N GLN B 104 26.60 -24.53 8.69
CA GLN B 104 26.81 -25.82 9.40
C GLN B 104 27.70 -25.60 10.62
N GLN B 105 28.74 -24.78 10.50
CA GLN B 105 29.70 -24.63 11.59
C GLN B 105 29.20 -23.75 12.71
N VAL B 106 28.06 -23.03 12.51
CA VAL B 106 27.65 -22.18 13.60
C VAL B 106 26.30 -22.62 14.12
N LEU B 107 25.58 -23.59 13.51
CA LEU B 107 24.18 -23.86 13.97
C LEU B 107 24.16 -24.24 15.45
N LEU B 108 25.22 -24.93 15.91
CA LEU B 108 25.22 -25.37 17.34
C LEU B 108 25.40 -24.27 18.36
N TYR B 109 25.73 -23.08 17.90
CA TYR B 109 25.91 -21.93 18.78
C TYR B 109 24.51 -21.28 19.01
N ALA B 110 23.45 -21.69 18.31
CA ALA B 110 22.13 -21.14 18.63
C ALA B 110 21.52 -21.84 19.83
N LYS B 111 20.95 -21.07 20.74
CA LYS B 111 20.36 -21.71 21.98
C LYS B 111 18.98 -22.31 21.76
N ARG B 112 18.33 -21.96 20.63
CA ARG B 112 17.00 -22.39 20.29
C ARG B 112 16.86 -22.39 18.75
N PRO B 113 15.92 -23.12 18.16
CA PRO B 113 15.78 -23.18 16.70
C PRO B 113 15.31 -21.80 16.12
N GLY B 114 15.86 -21.47 14.96
CA GLY B 114 15.43 -20.24 14.27
C GLY B 114 15.22 -20.44 12.80
N LEU B 115 15.82 -19.55 12.00
CA LEU B 115 15.60 -19.55 10.53
C LEU B 115 17.00 -19.60 9.92
N ILE B 116 17.16 -20.33 8.82
CA ILE B 116 18.44 -20.32 8.06
C ILE B 116 18.20 -19.55 6.78
N ASN B 117 19.08 -18.60 6.49
CA ASN B 117 18.95 -17.72 5.36
C ASN B 117 20.22 -17.85 4.55
N SER B 118 20.33 -18.74 3.54
CA SER B 118 19.16 -19.39 2.84
C SER B 118 19.74 -20.63 2.12
N VAL B 119 18.81 -21.40 1.54
CA VAL B 119 19.19 -22.36 0.47
C VAL B 119 18.70 -21.86 -0.88
N SER B 120 19.10 -22.54 -1.99
CA SER B 120 18.51 -22.31 -3.34
C SER B 120 18.94 -23.62 -4.10
N LEU B 121 18.61 -23.66 -5.41
CA LEU B 121 19.00 -24.86 -6.20
C LEU B 121 20.44 -24.72 -6.64
N GLU B 122 21.16 -23.71 -6.19
CA GLU B 122 22.54 -23.53 -6.64
C GLU B 122 23.47 -24.54 -5.93
N GLY B 123 24.52 -24.99 -6.63
CA GLY B 123 25.58 -25.81 -5.99
C GLY B 123 25.04 -26.96 -5.13
N ASP B 124 25.52 -27.03 -3.90
CA ASP B 124 25.07 -28.08 -3.00
C ASP B 124 24.34 -27.49 -1.78
N LYS B 125 23.65 -26.35 -1.96
CA LYS B 125 23.09 -25.70 -0.77
C LYS B 125 22.06 -26.61 -0.09
N CYS B 126 21.20 -27.24 -0.88
CA CYS B 126 20.17 -28.08 -0.26
C CYS B 126 20.79 -29.30 0.38
N GLU B 127 21.79 -29.91 -0.28
CA GLU B 127 22.36 -31.15 0.18
C GLU B 127 23.18 -30.95 1.45
N VAL B 128 23.64 -29.72 1.70
CA VAL B 128 24.41 -29.45 2.92
C VAL B 128 23.42 -29.06 4.01
N ILE B 129 22.49 -28.20 3.70
CA ILE B 129 21.63 -27.62 4.77
C ILE B 129 20.50 -28.61 5.17
N PHE B 130 19.82 -29.29 4.22
CA PHE B 130 18.66 -30.03 4.64
C PHE B 130 18.98 -31.20 5.57
N PRO B 131 20.12 -31.91 5.39
CA PRO B 131 20.36 -32.93 6.41
C PRO B 131 20.62 -32.37 7.80
N LEU B 132 21.10 -31.15 7.91
N LEU B 132 21.11 -31.14 7.86
CA LEU B 132 21.35 -30.62 9.22
CA LEU B 132 21.41 -30.41 9.10
C LEU B 132 20.04 -30.32 9.90
C LEU B 132 20.14 -30.03 9.85
N ILE B 133 19.02 -29.95 9.14
CA ILE B 133 17.79 -29.47 9.78
C ILE B 133 16.73 -30.55 9.79
N GLN B 134 16.98 -31.69 9.10
CA GLN B 134 16.01 -32.76 9.04
C GLN B 134 15.81 -33.22 10.52
N GLY B 135 14.56 -33.42 10.88
CA GLY B 135 14.17 -33.84 12.23
C GLY B 135 14.36 -32.80 13.34
N THR B 136 14.50 -31.53 12.95
CA THR B 136 14.65 -30.38 13.94
C THR B 136 13.52 -29.47 13.64
N SER B 137 13.42 -28.39 14.47
CA SER B 137 12.41 -27.35 14.23
C SER B 137 12.94 -26.09 13.50
N TRP B 138 14.16 -26.20 12.98
CA TRP B 138 14.65 -25.04 12.21
C TRP B 138 13.84 -24.84 10.97
N GLN B 139 13.59 -23.56 10.66
CA GLN B 139 12.97 -23.21 9.34
C GLN B 139 13.99 -22.72 8.38
N VAL B 140 13.61 -22.61 7.12
CA VAL B 140 14.59 -22.22 6.13
C VAL B 140 13.99 -21.30 5.07
N ILE B 141 14.79 -20.31 4.65
CA ILE B 141 14.45 -19.46 3.51
C ILE B 141 15.05 -20.11 2.29
N ALA B 142 14.24 -20.24 1.24
CA ALA B 142 14.73 -20.94 0.06
C ALA B 142 14.50 -19.94 -1.14
N LEU B 143 15.60 -19.52 -1.81
CA LEU B 143 15.50 -18.53 -2.89
C LEU B 143 15.17 -19.18 -4.20
N THR B 144 14.39 -18.50 -5.04
CA THR B 144 14.10 -19.12 -6.32
C THR B 144 15.19 -18.75 -7.29
N CYS B 145 16.33 -19.47 -7.20
CA CYS B 145 17.42 -19.31 -8.19
C CYS B 145 18.17 -20.57 -8.22
N ASP B 146 19.01 -20.72 -9.24
CA ASP B 146 19.66 -21.99 -9.47
C ASP B 146 21.06 -21.71 -10.04
N ASN B 147 21.69 -22.74 -10.63
CA ASN B 147 23.03 -22.52 -11.05
C ASN B 147 23.21 -21.50 -12.20
N SER B 148 22.14 -21.25 -12.92
CA SER B 148 22.16 -20.25 -14.04
C SER B 148 21.88 -18.84 -13.55
N GLY B 149 21.65 -18.67 -12.23
CA GLY B 149 21.48 -17.34 -11.66
C GLY B 149 20.04 -17.02 -11.35
N ILE B 150 19.68 -15.74 -11.35
CA ILE B 150 18.31 -15.34 -11.02
C ILE B 150 17.44 -15.55 -12.23
N PRO B 151 16.25 -16.12 -12.06
CA PRO B 151 15.51 -16.46 -13.27
C PRO B 151 14.94 -15.27 -13.92
N GLN B 152 14.67 -15.49 -15.21
CA GLN B 152 14.30 -14.41 -16.10
C GLN B 152 12.78 -14.29 -16.29
N ASP B 153 11.96 -15.10 -15.61
CA ASP B 153 10.44 -14.89 -15.61
C ASP B 153 9.72 -15.36 -14.32
N VAL B 154 8.39 -15.23 -14.30
CA VAL B 154 7.56 -15.75 -13.26
C VAL B 154 7.58 -17.30 -13.30
N GLN B 155 7.41 -17.84 -14.49
CA GLN B 155 7.29 -19.33 -14.60
C GLN B 155 8.47 -20.04 -14.04
N SER B 156 9.69 -19.55 -14.35
CA SER B 156 10.89 -20.21 -13.91
C SER B 156 10.97 -20.16 -12.42
N ARG B 157 10.58 -19.04 -11.81
CA ARG B 157 10.60 -19.01 -10.34
C ARG B 157 9.60 -19.97 -9.67
N VAL B 158 8.41 -20.10 -10.25
CA VAL B 158 7.40 -21.02 -9.72
C VAL B 158 7.93 -22.47 -9.86
N GLU B 159 8.54 -22.83 -10.99
CA GLU B 159 9.09 -24.17 -11.18
C GLU B 159 10.27 -24.44 -10.21
N ILE B 160 11.13 -23.43 -9.95
CA ILE B 160 12.17 -23.64 -8.99
C ILE B 160 11.58 -23.86 -7.59
N ALA B 161 10.57 -23.06 -7.24
CA ALA B 161 9.90 -23.27 -5.91
C ALA B 161 9.37 -24.71 -5.77
N GLN B 162 8.75 -25.26 -6.81
CA GLN B 162 8.24 -26.65 -6.83
C GLN B 162 9.44 -27.60 -6.63
N ALA B 163 10.59 -27.36 -7.31
CA ALA B 163 11.72 -28.23 -7.13
C ALA B 163 12.29 -28.18 -5.71
N LEU B 164 12.31 -26.98 -5.09
CA LEU B 164 12.81 -26.81 -3.70
C LEU B 164 11.86 -27.54 -2.73
N VAL B 165 10.54 -27.46 -2.94
CA VAL B 165 9.62 -28.08 -2.01
C VAL B 165 9.77 -29.60 -2.12
N GLU B 166 9.91 -30.11 -3.34
CA GLU B 166 10.14 -31.57 -3.52
C GLU B 166 11.44 -32.04 -2.89
N LYS B 167 12.56 -31.30 -3.09
CA LYS B 167 13.81 -31.67 -2.45
C LYS B 167 13.59 -31.66 -0.90
N ALA B 168 12.93 -30.61 -0.39
CA ALA B 168 12.74 -30.54 1.06
C ALA B 168 11.90 -31.68 1.64
N GLN B 169 10.87 -32.10 0.89
CA GLN B 169 10.00 -33.18 1.37
C GLN B 169 10.76 -34.49 1.37
N SER B 170 11.85 -34.64 0.60
CA SER B 170 12.62 -35.86 0.62
C SER B 170 13.49 -36.02 1.89
N TYR B 171 13.61 -34.90 2.65
CA TYR B 171 14.24 -34.84 3.95
C TYR B 171 13.15 -34.61 5.07
N ASP B 172 11.89 -34.83 4.76
CA ASP B 172 10.79 -34.78 5.70
C ASP B 172 10.58 -33.31 6.18
N ILE B 173 11.05 -32.36 5.41
CA ILE B 173 10.81 -30.93 5.83
C ILE B 173 9.51 -30.45 5.23
N ALA B 174 8.55 -30.13 6.11
CA ALA B 174 7.22 -29.74 5.74
C ALA B 174 7.20 -28.33 5.14
N GLN B 175 6.16 -28.06 4.33
CA GLN B 175 6.08 -26.78 3.65
C GLN B 175 6.00 -25.62 4.63
N GLU B 176 5.40 -25.86 5.81
CA GLU B 176 5.23 -24.73 6.76
C GLU B 176 6.60 -24.25 7.32
N ARG B 177 7.64 -25.06 7.14
CA ARG B 177 9.00 -24.64 7.59
C ARG B 177 9.75 -23.85 6.55
N ILE B 178 9.16 -23.71 5.36
CA ILE B 178 9.86 -23.09 4.18
C ILE B 178 9.30 -21.70 3.90
N HIS B 179 10.22 -20.76 3.70
CA HIS B 179 9.86 -19.45 3.23
C HIS B 179 10.49 -19.22 1.88
N ILE B 180 9.66 -19.27 0.83
CA ILE B 180 10.17 -19.11 -0.52
C ILE B 180 10.30 -17.61 -0.78
N ASP B 181 11.52 -17.22 -1.18
CA ASP B 181 11.87 -15.80 -1.52
C ASP B 181 11.97 -15.75 -3.02
N PRO B 182 11.00 -15.12 -3.68
CA PRO B 182 11.02 -15.01 -5.12
C PRO B 182 12.04 -13.93 -5.66
N LEU B 183 12.92 -13.43 -4.84
CA LEU B 183 14.00 -12.50 -5.23
C LEU B 183 13.52 -11.36 -6.16
N VAL B 184 12.57 -10.58 -5.68
CA VAL B 184 12.13 -9.46 -6.44
C VAL B 184 13.31 -8.58 -6.93
N ILE B 185 13.17 -8.08 -8.14
N ILE B 185 13.09 -8.08 -8.13
CA ILE B 185 14.17 -7.26 -8.77
CA ILE B 185 14.02 -7.31 -8.91
C ILE B 185 13.75 -5.78 -8.79
C ILE B 185 13.81 -5.78 -8.60
N ALA B 186 14.75 -4.95 -9.03
CA ALA B 186 14.53 -3.48 -8.97
C ALA B 186 13.48 -2.99 -9.98
N LEU B 187 12.52 -2.18 -9.50
CA LEU B 187 11.52 -1.61 -10.35
C LEU B 187 12.09 -0.74 -11.50
N SER B 188 13.20 -0.07 -11.22
CA SER B 188 13.86 0.72 -12.30
C SER B 188 14.44 -0.25 -13.36
N ALA B 189 14.75 -1.49 -13.01
CA ALA B 189 15.22 -2.47 -14.08
C ALA B 189 13.99 -3.06 -14.82
N ASP B 190 12.84 -3.16 -14.14
CA ASP B 190 11.71 -3.81 -14.75
C ASP B 190 10.47 -3.29 -14.03
N ASN B 191 9.72 -2.54 -14.79
CA ASN B 191 8.57 -1.80 -14.22
C ASN B 191 7.42 -2.77 -13.75
N GLY B 192 7.52 -4.03 -14.20
CA GLY B 192 6.63 -5.10 -13.71
C GLY B 192 7.10 -5.81 -12.50
N ALA B 193 8.17 -5.33 -11.82
CA ALA B 193 8.75 -6.10 -10.73
C ALA B 193 7.74 -6.50 -9.61
N LEU B 194 6.86 -5.55 -9.25
CA LEU B 194 5.92 -5.90 -8.17
C LEU B 194 4.77 -6.76 -8.74
N LEU B 195 4.30 -6.44 -9.93
CA LEU B 195 3.23 -7.23 -10.62
C LEU B 195 3.71 -8.72 -10.71
N LYS B 196 4.97 -8.87 -11.02
CA LYS B 196 5.52 -10.27 -11.20
C LYS B 196 5.72 -10.89 -9.86
N PHE B 197 6.16 -10.14 -8.85
CA PHE B 197 6.24 -10.64 -7.49
C PHE B 197 4.88 -11.17 -7.00
N ALA B 198 3.84 -10.37 -7.22
CA ALA B 198 2.51 -10.73 -6.78
C ALA B 198 2.00 -11.99 -7.54
N GLU B 199 2.30 -12.07 -8.84
CA GLU B 199 1.91 -13.26 -9.65
C GLU B 199 2.62 -14.54 -9.20
N ALA B 200 3.95 -14.42 -8.93
CA ALA B 200 4.67 -15.61 -8.47
C ALA B 200 4.13 -16.05 -7.08
N THR B 201 3.87 -15.06 -6.19
CA THR B 201 3.35 -15.34 -4.83
C THR B 201 1.99 -16.03 -4.94
N ARG B 202 1.13 -15.52 -5.79
CA ARG B 202 -0.18 -16.14 -5.98
C ARG B 202 -0.08 -17.56 -6.50
N GLN B 203 0.81 -17.80 -7.44
CA GLN B 203 0.92 -19.16 -8.01
C GLN B 203 1.55 -20.11 -7.00
N ILE B 204 2.63 -19.66 -6.33
CA ILE B 204 3.28 -20.52 -5.33
C ILE B 204 2.29 -20.88 -4.21
N LYS B 205 1.56 -19.90 -3.70
CA LYS B 205 0.68 -20.21 -2.58
C LYS B 205 -0.54 -21.00 -3.09
N ALA B 206 -0.92 -20.83 -4.37
CA ALA B 206 -1.93 -21.74 -4.95
C ALA B 206 -1.47 -23.16 -4.98
N ASN B 207 -0.23 -23.43 -5.33
CA ASN B 207 0.26 -24.80 -5.38
C ASN B 207 0.47 -25.36 -3.98
N TYR B 208 0.83 -24.48 -3.06
CA TYR B 208 1.28 -24.91 -1.72
C TYR B 208 0.70 -23.97 -0.68
N PRO B 209 -0.54 -24.19 -0.27
CA PRO B 209 -1.19 -23.23 0.58
C PRO B 209 -0.57 -23.10 1.99
N MET B 210 0.20 -24.10 2.39
CA MET B 210 0.82 -24.11 3.72
C MET B 210 2.25 -23.47 3.71
N ILE B 211 2.77 -23.09 2.52
CA ILE B 211 4.14 -22.51 2.47
C ILE B 211 4.08 -21.02 2.79
N ASN B 212 5.25 -20.51 3.19
CA ASN B 212 5.36 -19.07 3.39
C ASN B 212 6.04 -18.51 2.18
N VAL B 213 5.68 -17.24 1.85
CA VAL B 213 6.46 -16.46 0.84
C VAL B 213 7.03 -15.28 1.59
N THR B 214 8.31 -15.00 1.26
CA THR B 214 9.05 -13.93 2.00
C THR B 214 9.75 -13.08 0.99
N SER B 215 10.14 -11.86 1.40
CA SER B 215 10.96 -11.00 0.53
C SER B 215 11.77 -10.08 1.47
N GLY B 216 12.87 -9.56 0.88
CA GLY B 216 13.43 -8.26 1.39
C GLY B 216 12.73 -7.13 0.71
N LEU B 217 12.86 -5.96 1.30
CA LEU B 217 12.18 -4.79 0.70
C LEU B 217 13.17 -4.03 -0.16
N SER B 218 14.43 -3.98 0.22
CA SER B 218 15.27 -2.93 -0.41
C SER B 218 15.56 -3.07 -1.91
N ASN B 219 15.59 -4.30 -2.45
CA ASN B 219 15.96 -4.43 -3.86
C ASN B 219 14.99 -3.70 -4.80
N ILE B 220 13.72 -3.58 -4.41
CA ILE B 220 12.79 -3.06 -5.31
C ILE B 220 13.06 -1.62 -5.71
N SER B 221 13.77 -0.89 -4.82
CA SER B 221 13.86 0.58 -4.97
C SER B 221 15.29 1.02 -5.42
N PHE B 222 16.12 0.06 -5.69
CA PHE B 222 17.48 0.39 -6.27
C PHE B 222 17.36 1.17 -7.58
N GLY B 223 18.09 2.29 -7.61
CA GLY B 223 18.01 3.18 -8.76
C GLY B 223 16.87 4.17 -8.83
N MET B 224 16.15 4.35 -7.70
CA MET B 224 15.09 5.29 -7.64
C MET B 224 15.41 6.21 -6.48
N PRO B 225 14.95 7.48 -6.59
CA PRO B 225 15.09 8.27 -5.35
C PRO B 225 14.02 7.97 -4.33
N LEU B 226 14.18 8.51 -3.10
CA LEU B 226 13.20 8.33 -2.03
C LEU B 226 13.00 6.83 -1.83
N ARG B 227 14.06 6.10 -1.67
CA ARG B 227 13.95 4.62 -1.57
C ARG B 227 13.10 4.14 -0.39
N LYS B 228 13.10 4.87 0.71
CA LYS B 228 12.33 4.41 1.85
C LYS B 228 10.84 4.50 1.46
N VAL B 229 10.41 5.56 0.73
CA VAL B 229 9.02 5.70 0.33
C VAL B 229 8.63 4.50 -0.57
N VAL B 230 9.51 4.20 -1.53
CA VAL B 230 9.24 3.08 -2.46
C VAL B 230 9.20 1.77 -1.69
N ASN B 231 10.17 1.53 -0.79
CA ASN B 231 10.18 0.30 -0.01
C ASN B 231 8.86 0.14 0.76
N GLN B 232 8.38 1.23 1.39
CA GLN B 232 7.19 1.14 2.26
C GLN B 232 5.96 0.82 1.41
N ASN B 233 5.80 1.44 0.23
CA ASN B 233 4.66 1.13 -0.57
C ASN B 233 4.75 -0.30 -1.20
N PHE B 234 5.97 -0.75 -1.48
CA PHE B 234 6.16 -2.14 -1.89
C PHE B 234 5.71 -3.05 -0.71
N LEU B 235 6.07 -2.73 0.54
CA LEU B 235 5.62 -3.60 1.69
C LEU B 235 4.09 -3.72 1.69
N THR B 236 3.40 -2.60 1.61
CA THR B 236 1.93 -2.61 1.72
C THR B 236 1.32 -3.44 0.58
N LEU B 237 1.87 -3.26 -0.64
CA LEU B 237 1.35 -4.01 -1.80
C LEU B 237 1.70 -5.51 -1.65
N ALA B 238 2.92 -5.80 -1.21
CA ALA B 238 3.29 -7.21 -1.13
C ALA B 238 2.47 -7.89 0.00
N MET B 239 2.21 -7.20 1.09
CA MET B 239 1.35 -7.82 2.15
C MET B 239 -0.03 -8.14 1.51
N PHE B 240 -0.61 -7.22 0.72
CA PHE B 240 -1.97 -7.53 0.15
C PHE B 240 -1.90 -8.71 -0.82
N ALA B 241 -0.74 -8.80 -1.47
CA ALA B 241 -0.55 -9.89 -2.49
C ALA B 241 -0.31 -11.27 -1.77
N GLY B 242 -0.11 -11.29 -0.47
CA GLY B 242 0.01 -12.57 0.28
C GLY B 242 1.31 -12.87 0.92
N MET B 243 2.24 -11.93 0.88
CA MET B 243 3.54 -12.16 1.59
C MET B 243 3.34 -12.51 3.07
N ASP B 244 4.08 -13.56 3.53
CA ASP B 244 3.92 -14.06 4.91
C ASP B 244 4.99 -13.57 5.84
N SER B 245 6.19 -13.31 5.27
CA SER B 245 7.31 -12.87 6.16
C SER B 245 8.15 -11.89 5.34
N ALA B 246 8.90 -11.06 6.04
CA ALA B 246 9.74 -10.08 5.31
C ALA B 246 10.96 -9.77 6.14
N ILE B 247 12.08 -9.60 5.46
N ILE B 247 12.04 -9.52 5.40
CA ILE B 247 13.29 -9.10 6.16
CA ILE B 247 13.31 -9.03 5.99
C ILE B 247 13.37 -7.60 5.85
C ILE B 247 13.25 -7.50 5.81
N LEU B 248 13.37 -6.82 6.94
CA LEU B 248 13.14 -5.37 6.85
C LEU B 248 13.75 -4.72 8.10
N ASP B 249 13.73 -3.38 8.11
CA ASP B 249 14.26 -2.63 9.25
C ASP B 249 13.10 -2.16 10.17
N PRO B 250 12.82 -2.86 11.26
CA PRO B 250 11.65 -2.48 12.04
C PRO B 250 11.96 -1.29 13.00
N LEU B 251 13.20 -0.75 12.87
CA LEU B 251 13.59 0.49 13.62
C LEU B 251 13.25 1.72 12.83
N ASN B 252 12.74 1.53 11.59
CA ASN B 252 12.28 2.65 10.79
C ASN B 252 10.83 2.90 11.17
N ARG B 253 10.53 3.97 11.91
CA ARG B 253 9.24 4.23 12.51
C ARG B 253 8.17 4.45 11.47
N ASP B 254 8.60 5.05 10.36
CA ASP B 254 7.56 5.27 9.27
C ASP B 254 7.15 3.92 8.63
N LEU B 255 8.16 3.06 8.39
CA LEU B 255 7.88 1.70 7.88
C LEU B 255 7.03 0.90 8.87
N LEU B 256 7.38 0.95 10.17
CA LEU B 256 6.55 0.23 11.17
C LEU B 256 5.15 0.76 11.22
N ALA B 257 4.91 2.08 11.10
CA ALA B 257 3.53 2.58 11.09
C ALA B 257 2.78 2.01 9.88
N ALA B 258 3.47 1.96 8.76
CA ALA B 258 2.78 1.46 7.50
C ALA B 258 2.46 -0.06 7.66
N LEU B 259 3.42 -0.77 8.21
CA LEU B 259 3.27 -2.22 8.45
C LEU B 259 2.08 -2.40 9.37
N LEU B 260 2.02 -1.69 10.49
CA LEU B 260 0.90 -1.86 11.41
C LEU B 260 -0.44 -1.37 10.86
N ALA B 261 -0.41 -0.26 10.11
CA ALA B 261 -1.66 0.20 9.50
C ALA B 261 -2.17 -0.82 8.49
N THR B 262 -1.23 -1.38 7.71
CA THR B 262 -1.63 -2.37 6.67
C THR B 262 -2.18 -3.63 7.35
N GLU B 263 -1.55 -4.08 8.46
CA GLU B 263 -2.16 -5.22 9.17
C GLU B 263 -3.60 -4.96 9.57
N ALA B 264 -3.92 -3.76 10.07
CA ALA B 264 -5.28 -3.42 10.47
C ALA B 264 -6.23 -3.36 9.20
N LEU B 265 -5.71 -2.76 8.12
CA LEU B 265 -6.48 -2.67 6.87
C LEU B 265 -6.74 -4.02 6.20
N LEU B 266 -5.89 -5.01 6.45
CA LEU B 266 -6.10 -6.34 5.94
C LEU B 266 -6.97 -7.21 6.90
N GLY B 267 -7.51 -6.56 7.95
CA GLY B 267 -8.54 -7.24 8.79
C GLY B 267 -7.80 -8.09 9.81
N ARG B 268 -6.48 -7.89 10.00
CA ARG B 268 -5.73 -8.78 10.95
C ARG B 268 -5.45 -8.16 12.30
N ASP B 269 -5.96 -6.99 12.59
CA ASP B 269 -5.77 -6.35 13.91
C ASP B 269 -7.13 -6.10 14.52
N LYS B 270 -7.58 -7.08 15.35
CA LYS B 270 -8.89 -6.97 15.96
C LYS B 270 -9.10 -5.64 16.68
N HIS B 271 -10.15 -4.95 16.30
CA HIS B 271 -10.50 -3.62 16.79
C HIS B 271 -9.38 -2.62 16.70
N CYS B 272 -8.44 -2.82 15.75
CA CYS B 272 -7.29 -1.93 15.52
C CYS B 272 -6.47 -1.69 16.78
N ARG B 273 -6.50 -2.67 17.69
CA ARG B 273 -5.83 -2.49 19.00
C ARG B 273 -4.31 -2.39 18.97
N ASN B 274 -3.64 -3.22 18.16
CA ASN B 274 -2.14 -3.24 18.07
C ASN B 274 -1.66 -1.92 17.57
N PHE B 275 -2.43 -1.39 16.59
CA PHE B 275 -2.11 -0.07 16.08
C PHE B 275 -2.30 0.98 17.18
N ALA B 276 -3.43 0.93 17.89
CA ALA B 276 -3.69 2.02 18.87
C ALA B 276 -2.66 1.91 20.05
N ASN B 277 -2.29 0.67 20.38
CA ASN B 277 -1.36 0.42 21.47
C ASN B 277 0.00 0.91 21.05
N ALA B 278 0.39 0.71 19.78
CA ALA B 278 1.69 1.19 19.32
C ALA B 278 1.77 2.72 19.30
N TYR B 279 0.67 3.38 19.00
CA TYR B 279 0.67 4.84 19.04
C TYR B 279 0.74 5.31 20.54
N ARG B 280 0.01 4.63 21.42
CA ARG B 280 -0.10 5.05 22.83
C ARG B 280 1.27 4.84 23.50
N LYS B 281 2.03 3.88 23.03
CA LYS B 281 3.35 3.65 23.58
C LYS B 281 4.42 4.45 22.86
N ASN B 282 4.02 5.33 21.95
CA ASN B 282 4.98 6.03 21.09
C ASN B 282 5.97 5.13 20.30
N LYS B 283 5.60 3.87 20.04
CA LYS B 283 6.32 3.03 19.04
C LYS B 283 6.28 3.55 17.54
N ILE B 284 5.19 4.26 17.21
CA ILE B 284 4.96 4.91 15.91
C ILE B 284 4.40 6.27 16.16
N GLY B 285 4.40 7.09 15.14
CA GLY B 285 3.98 8.48 15.28
C GLY B 285 5.14 9.40 15.64
N PRO B 286 4.91 10.71 15.65
CA PRO B 286 6.03 11.60 15.94
C PRO B 286 6.65 11.26 17.32
N LEU B 287 7.97 11.20 17.38
CA LEU B 287 8.73 10.97 18.63
C LEU B 287 8.27 11.84 19.79
N1 C2F C . -17.74 12.83 -2.10
C2 C2F C . -17.78 11.53 -2.39
NA2 C2F C . -18.34 11.12 -3.57
N3 C2F C . -17.20 10.59 -1.55
C4 C2F C . -16.61 10.89 -0.39
O4 C2F C . -16.09 10.03 0.39
C4A C2F C . -16.59 12.26 0.00
N5 C2F C . -16.01 12.63 1.35
C6 C2F C . -15.67 14.15 1.36
C7 C2F C . -16.86 14.96 0.75
N8 C2F C . -17.29 14.56 -0.61
C8A C2F C . -17.24 13.23 -0.91
C9 C2F C . -14.43 14.35 0.51
N10 C2F C . -13.94 15.70 0.70
C11 C2F C . -16.99 12.36 2.42
C12 C2F C . -11.42 16.60 3.92
C13 C2F C . -11.95 15.33 3.84
C14 C2F C . -12.80 14.98 2.79
C15 C2F C . -13.13 15.99 1.78
C16 C2F C . -12.57 17.26 1.88
C17 C2F C . -11.71 17.58 2.93
C C2F C . -10.43 16.93 4.99
O C2F C . -10.46 16.34 6.08
N C2F C . -9.41 17.77 4.67
CA C2F C . -8.30 18.14 5.59
CB C2F C . -7.13 17.12 5.78
CG C2F C . -6.34 16.77 4.50
CD C2F C . -5.30 15.64 4.53
OE1 C2F C . -5.45 14.64 5.28
OE2 C2F C . -4.28 15.74 3.77
CT C2F C . -7.78 19.50 5.21
O1 C2F C . -7.17 20.10 6.10
O2 C2F C . -7.99 20.02 4.07
N1 C2F D . 18.08 -12.30 2.70
C2 C2F D . 17.02 -12.73 1.90
NA2 C2F D . 16.51 -13.98 2.10
N3 C2F D . 16.40 -11.87 1.07
C4 C2F D . 16.84 -10.62 0.81
O4 C2F D . 16.26 -9.88 -0.03
C4A C2F D . 17.97 -10.15 1.55
N5 C2F D . 18.42 -8.71 1.25
C6 C2F D . 19.28 -8.33 2.49
C7 C2F D . 20.38 -9.44 2.89
N8 C2F D . 19.67 -10.71 3.32
C8A C2F D . 18.60 -11.08 2.54
C9 C2F D . 18.33 -7.88 3.62
N10 C2F D . 19.23 -7.30 4.62
C11 C2F D . 19.24 -8.77 -0.01
C12 C2F D . 19.83 -3.13 4.58
C13 C2F D . 19.26 -3.76 3.44
C14 C2F D . 19.04 -5.15 3.45
C15 C2F D . 19.45 -5.94 4.59
C16 C2F D . 20.09 -5.32 5.70
C17 C2F D . 20.24 -3.91 5.71
C C2F D . 19.99 -1.61 4.57
O C2F D . 20.14 -1.01 3.54
N C2F D . 19.81 -0.98 5.70
CA C2F D . 19.96 0.48 5.92
CB C2F D . 18.65 1.18 5.50
CG C2F D . 17.52 0.89 6.48
CD C2F D . 16.13 1.42 6.13
OE1 C2F D . 15.81 1.65 4.92
OE2 C2F D . 15.33 1.59 7.13
CT C2F D . 20.46 0.72 7.38
O1 C2F D . 21.04 1.83 7.66
O2 C2F D . 20.32 -0.15 8.31
#